data_7KD1
#
_entry.id   7KD1
#
_cell.length_a   74.040
_cell.length_b   74.040
_cell.length_c   122.260
_cell.angle_alpha   90.000
_cell.angle_beta   90.000
_cell.angle_gamma   120.000
#
_symmetry.space_group_name_H-M   'P 31 2 1'
#
loop_
_entity.id
_entity.type
_entity.pdbx_description
1 polymer 'tetrahydrofolate riboswitch aptamer domain'
2 non-polymer 'SULFATE ION'
3 non-polymer 'MAGNESIUM ION'
4 water water
#
_entity_poly.entity_id   1
_entity_poly.type   'polyribonucleotide'
_entity_poly.pdbx_seq_one_letter_code
;GGAGAGUAGAUGAUUCGCGUUAAGUGUGUGUGAAUGGGAUGUCGUCACACAACGAAGCGAGAGCGCGGUGAAUCAUUGCA
UCCGCUCCA
;
_entity_poly.pdbx_strand_id   A
#